data_7L4H
#
_entry.id   7L4H
#
_cell.length_a   116.888
_cell.length_b   230.379
_cell.length_c   54.244
_cell.angle_alpha   90.00
_cell.angle_beta   90.00
_cell.angle_gamma   90.00
#
_symmetry.space_group_name_H-M   'C 2 2 21'
#
loop_
_entity.id
_entity.type
_entity.pdbx_description
1 polymer 'DNA (cytosine-5)-methyltransferase DRM2'
2 polymer "DNA (5'-D(*TP*AP*AP*AP*TP*TP*CP*AP*GP*AP*TP*TP*AP*GP*GP*AP*AP*T)-3')"
3 polymer "DNA (5'-D(*AP*TP*TP*CP*CP*TP*AP*AP*TP*(C49)P*TP*GP*AP*AP*TP*TP*TP*A)-3')"
4 non-polymer S-ADENOSYL-L-HOMOCYSTEINE
5 non-polymer GLYCEROL
6 non-polymer 'IODIDE ION'
7 water water
#
loop_
_entity_poly.entity_id
_entity_poly.type
_entity_poly.pdbx_seq_one_letter_code
_entity_poly.pdbx_strand_id
1 'polypeptide(L)'
;PIRLPNPMIGFGVPNEPGLITHRSLPELARGPPFFYYENVALTPKGVWETISRHLFEIPPEFVDSKYFCVAARKRGYIHN
LPINNRFQIQPPPKYTIHDAFPLSKRWWPEWDKRTKLNCILTCTGSAQLTNRIRVALEPYNEEPEPPKHVQRYVIDQCKK
WNLVWVGKNKAAPLEPDEMESILGFPKNHTRGGGMSRTERFKSLGNSFQVDTVAYHLSVLKPIFPHGINVLSLFTGIGGG
EVALHRLQIKMKLVVSVEISKVNRNILKDFWEQTNQTGELIEFSDIQHLTNDTIEGLMEKYGGFDLVIGGSPCNNLAGGN
RVSRVGLEGDQSSLFFEYCRILEVVRARMRGS
;
A
2 'polydeoxyribonucleotide' (DT)(DA)(DA)(DA)(DT)(DT)(DC)(DA)(DG)(DA)(DT)(DT)(DA)(DG)(DG)(DA)(DA)(DT) B
3 'polydeoxyribonucleotide' (DA)(DT)(DT)(DC)(DC)(DT)(DA)(DA)(DT)(C49)(DT)(DG)(DA)(DA)(DT)(DT)(DT)(DA) C
#
loop_
_chem_comp.id
_chem_comp.type
_chem_comp.name
_chem_comp.formula
C49 DNA linking 4-THIO,5-FLUORO,5-METHYL-2'-DEOXY-CYTIDINE-5'-MONOPHOSPHATE 'C10 H15 F N3 O7 P S'
DA DNA linking 2'-DEOXYADENOSINE-5'-MONOPHOSPHATE 'C10 H14 N5 O6 P'
DC DNA linking 2'-DEOXYCYTIDINE-5'-MONOPHOSPHATE 'C9 H14 N3 O7 P'
DG DNA linking 2'-DEOXYGUANOSINE-5'-MONOPHOSPHATE 'C10 H14 N5 O7 P'
DT DNA linking THYMIDINE-5'-MONOPHOSPHATE 'C10 H15 N2 O8 P'
GOL non-polymer GLYCEROL 'C3 H8 O3'
IOD non-polymer 'IODIDE ION' 'I -1'
SAH non-polymer S-ADENOSYL-L-HOMOCYSTEINE 'C14 H20 N6 O5 S'
#
# COMPACT_ATOMS: atom_id res chain seq x y z
N PRO A 1 25.21 3.36 1.92
CA PRO A 1 24.05 2.51 2.24
C PRO A 1 22.88 3.30 2.80
N ILE A 2 21.67 3.03 2.28
CA ILE A 2 20.49 3.72 2.80
C ILE A 2 20.24 3.30 4.24
N ARG A 3 20.09 4.28 5.11
CA ARG A 3 19.74 4.06 6.51
C ARG A 3 18.31 4.49 6.72
N LEU A 4 17.46 3.56 7.12
CA LEU A 4 16.04 3.87 7.29
C LEU A 4 15.87 4.89 8.42
N PRO A 5 15.02 5.89 8.23
CA PRO A 5 14.85 6.93 9.24
C PRO A 5 14.03 6.46 10.43
N ASN A 6 14.41 6.95 11.60
CA ASN A 6 13.71 6.67 12.85
C ASN A 6 13.43 8.01 13.54
N PRO A 7 12.17 8.45 13.64
CA PRO A 7 10.96 7.75 13.18
C PRO A 7 10.80 7.74 11.67
N MET A 8 10.05 6.76 11.16
CA MET A 8 9.83 6.62 9.72
C MET A 8 8.63 7.47 9.33
N ILE A 9 8.87 8.78 9.26
CA ILE A 9 7.83 9.76 8.94
C ILE A 9 8.04 10.41 7.59
N GLY A 10 9.05 9.98 6.83
CA GLY A 10 9.33 10.63 5.57
C GLY A 10 9.65 12.09 5.76
N PHE A 11 9.06 12.92 4.91
CA PHE A 11 9.20 14.37 5.01
C PHE A 11 8.21 15.00 5.96
N GLY A 12 7.45 14.19 6.71
CA GLY A 12 6.47 14.72 7.63
C GLY A 12 5.13 14.03 7.52
N VAL A 13 4.57 13.67 8.68
CA VAL A 13 3.26 13.03 8.74
C VAL A 13 2.38 13.88 9.63
N PRO A 14 1.06 13.76 9.48
CA PRO A 14 0.15 14.59 10.29
C PRO A 14 0.31 14.33 11.78
N ASN A 15 0.04 15.37 12.57
CA ASN A 15 0.04 15.34 14.03
C ASN A 15 1.41 15.03 14.64
N GLU A 16 2.48 15.07 13.85
CA GLU A 16 3.81 14.77 14.33
C GLU A 16 4.77 15.88 13.96
N PRO A 17 5.84 16.06 14.72
CA PRO A 17 6.85 17.08 14.36
C PRO A 17 7.78 16.58 13.27
N GLY A 18 8.52 17.53 12.69
CA GLY A 18 9.51 17.21 11.69
C GLY A 18 9.05 17.37 10.26
N LEU A 19 8.05 18.22 10.00
CA LEU A 19 7.58 18.42 8.64
C LEU A 19 8.60 19.21 7.84
N ILE A 20 9.00 18.65 6.70
CA ILE A 20 9.90 19.32 5.76
C ILE A 20 9.05 19.86 4.61
N THR A 21 9.04 21.18 4.45
CA THR A 21 8.19 21.81 3.46
C THR A 21 8.83 21.93 2.09
N HIS A 22 10.15 21.79 1.98
CA HIS A 22 10.85 21.97 0.71
C HIS A 22 11.97 20.96 0.58
N ARG A 23 12.12 20.41 -0.61
CA ARG A 23 13.24 19.57 -0.96
C ARG A 23 13.77 20.00 -2.33
N SER A 24 15.00 19.60 -2.62
CA SER A 24 15.63 19.89 -3.91
C SER A 24 15.88 18.57 -4.63
N LEU A 25 15.20 18.37 -5.75
CA LEU A 25 15.38 17.14 -6.48
C LEU A 25 16.25 17.39 -7.70
N PRO A 26 17.01 16.38 -8.16
CA PRO A 26 17.92 16.59 -9.29
C PRO A 26 17.17 17.00 -10.55
N GLU A 27 17.96 17.42 -11.53
CA GLU A 27 17.39 17.92 -12.77
C GLU A 27 16.75 16.80 -13.58
N LEU A 28 17.42 15.65 -13.65
CA LEU A 28 16.95 14.52 -14.44
C LEU A 28 15.64 13.93 -13.90
N ALA A 29 15.22 14.31 -12.70
CA ALA A 29 14.07 13.72 -12.05
C ALA A 29 12.79 14.53 -12.23
N ARG A 30 12.85 15.68 -12.85
CA ARG A 30 11.72 16.60 -12.86
C ARG A 30 10.66 16.17 -13.86
N GLY A 31 9.39 16.37 -13.48
CA GLY A 31 8.30 16.18 -14.38
C GLY A 31 8.20 17.33 -15.38
N PRO A 32 7.25 17.22 -16.31
CA PRO A 32 6.27 16.13 -16.44
C PRO A 32 6.89 14.90 -17.11
N PRO A 33 6.36 13.70 -16.80
CA PRO A 33 5.21 13.52 -15.92
C PRO A 33 5.58 13.40 -14.45
N PHE A 34 4.65 13.74 -13.56
CA PHE A 34 4.78 13.34 -12.17
C PHE A 34 4.69 11.82 -12.09
N PHE A 35 5.56 11.22 -11.29
CA PHE A 35 5.51 9.77 -11.10
C PHE A 35 5.62 9.44 -9.62
N TYR A 36 5.13 8.25 -9.28
CA TYR A 36 5.00 7.81 -7.90
C TYR A 36 5.27 6.32 -7.85
N TYR A 37 6.39 5.94 -7.25
CA TYR A 37 6.74 4.53 -7.11
C TYR A 37 6.64 4.11 -5.65
N GLU A 38 6.25 2.85 -5.44
CA GLU A 38 6.09 2.33 -4.08
C GLU A 38 6.62 0.91 -4.02
N ASN A 39 7.28 0.58 -2.90
CA ASN A 39 7.63 -0.79 -2.59
C ASN A 39 7.91 -0.87 -1.09
N VAL A 40 8.06 -2.11 -0.61
CA VAL A 40 8.33 -2.31 0.80
C VAL A 40 9.68 -1.73 1.18
N ALA A 41 9.80 -1.28 2.42
CA ALA A 41 11.03 -0.62 2.87
C ALA A 41 12.07 -1.61 3.37
N LEU A 42 11.65 -2.74 3.95
CA LEU A 42 12.58 -3.69 4.56
C LEU A 42 12.97 -4.75 3.55
N THR A 43 13.83 -4.34 2.62
CA THR A 43 14.34 -5.15 1.53
C THR A 43 15.69 -5.76 1.89
N PRO A 44 16.17 -6.71 1.09
CA PRO A 44 17.57 -7.14 1.23
C PRO A 44 18.53 -5.99 1.01
N LYS A 45 19.79 -6.22 1.38
CA LYS A 45 20.80 -5.18 1.29
C LYS A 45 20.95 -4.66 -0.13
N GLY A 46 20.93 -3.33 -0.27
CA GLY A 46 21.26 -2.69 -1.53
C GLY A 46 20.19 -2.73 -2.59
N VAL A 47 18.93 -2.90 -2.22
CA VAL A 47 17.83 -2.91 -3.20
C VAL A 47 17.36 -1.51 -3.52
N TRP A 48 17.13 -0.69 -2.49
CA TRP A 48 16.65 0.67 -2.72
C TRP A 48 17.73 1.55 -3.36
N GLU A 49 19.00 1.23 -3.13
CA GLU A 49 20.07 1.92 -3.86
C GLU A 49 19.93 1.68 -5.36
N THR A 50 19.68 0.43 -5.75
CA THR A 50 19.43 0.12 -7.16
C THR A 50 18.16 0.77 -7.66
N ILE A 51 17.11 0.79 -6.84
CA ILE A 51 15.85 1.42 -7.24
C ILE A 51 16.05 2.92 -7.44
N SER A 52 16.78 3.57 -6.53
CA SER A 52 17.08 4.98 -6.69
C SER A 52 17.98 5.22 -7.90
N ARG A 53 18.94 4.32 -8.13
CA ARG A 53 19.85 4.47 -9.27
C ARG A 53 19.10 4.51 -10.59
N HIS A 54 18.00 3.76 -10.70
CA HIS A 54 17.21 3.72 -11.91
C HIS A 54 16.07 4.72 -11.91
N LEU A 55 15.88 5.46 -10.82
CA LEU A 55 14.85 6.48 -10.77
C LEU A 55 15.48 7.84 -10.48
N PHE A 56 16.56 8.15 -11.22
CA PHE A 56 17.16 9.48 -11.25
C PHE A 56 17.73 9.89 -9.91
N GLU A 57 18.15 8.91 -9.11
CA GLU A 57 18.83 9.12 -7.84
C GLU A 57 18.00 9.93 -6.84
N ILE A 58 16.67 9.81 -6.93
CA ILE A 58 15.79 10.43 -5.95
C ILE A 58 15.89 9.64 -4.65
N PRO A 59 16.25 10.27 -3.55
CA PRO A 59 16.23 9.58 -2.26
C PRO A 59 14.82 9.13 -1.91
N PRO A 60 14.63 7.86 -1.59
CA PRO A 60 13.29 7.38 -1.25
C PRO A 60 12.76 8.03 0.03
N GLU A 61 11.44 8.21 0.07
CA GLU A 61 10.75 8.71 1.25
C GLU A 61 10.12 7.52 1.97
N PHE A 62 10.73 7.10 3.06
CA PHE A 62 10.24 5.98 3.85
C PHE A 62 9.21 6.49 4.87
N VAL A 63 8.00 5.96 4.80
CA VAL A 63 6.91 6.36 5.69
C VAL A 63 6.22 5.10 6.22
N ASP A 64 6.07 5.02 7.53
CA ASP A 64 5.32 3.93 8.15
C ASP A 64 3.86 4.35 8.29
N SER A 65 2.95 3.57 7.69
CA SER A 65 1.53 3.94 7.68
C SER A 65 0.88 3.82 9.05
N LYS A 66 1.62 3.46 10.10
CA LYS A 66 1.06 3.49 11.44
C LYS A 66 0.76 4.91 11.90
N TYR A 67 1.29 5.92 11.21
CA TYR A 67 0.92 7.30 11.48
C TYR A 67 -0.35 7.72 10.77
N PHE A 68 -0.86 6.91 9.86
CA PHE A 68 -2.08 7.22 9.12
C PHE A 68 -3.25 6.33 9.48
N CYS A 69 -3.00 5.13 10.01
CA CYS A 69 -4.07 4.20 10.36
C CYS A 69 -3.62 3.39 11.56
N VAL A 70 -4.35 2.31 11.86
CA VAL A 70 -4.06 1.51 13.05
C VAL A 70 -2.96 0.49 12.81
N ALA A 71 -2.73 0.07 11.56
CA ALA A 71 -1.76 -0.96 11.25
C ALA A 71 -0.49 -0.34 10.69
N ALA A 72 0.66 -0.81 11.18
CA ALA A 72 1.93 -0.37 10.63
C ALA A 72 2.08 -0.82 9.19
N ARG A 73 2.86 -0.06 8.42
CA ARG A 73 3.17 -0.41 7.03
C ARG A 73 4.36 0.40 6.55
N LYS A 74 5.55 -0.21 6.61
CA LYS A 74 6.79 0.48 6.29
C LYS A 74 7.08 0.35 4.79
N ARG A 75 6.98 1.46 4.07
CA ARG A 75 7.19 1.47 2.63
C ARG A 75 8.11 2.62 2.24
N GLY A 76 8.76 2.45 1.10
CA GLY A 76 9.55 3.50 0.48
C GLY A 76 8.80 4.05 -0.74
N TYR A 77 8.81 5.37 -0.88
CA TYR A 77 8.11 6.04 -1.98
C TYR A 77 9.10 6.96 -2.70
N ILE A 78 9.42 6.61 -3.95
CA ILE A 78 10.22 7.47 -4.81
C ILE A 78 9.27 8.21 -5.74
N HIS A 79 9.36 9.53 -5.74
CA HIS A 79 8.41 10.35 -6.50
C HIS A 79 9.02 11.73 -6.69
N ASN A 80 8.52 12.43 -7.71
CA ASN A 80 8.95 13.79 -8.02
C ASN A 80 7.85 14.82 -7.76
N LEU A 81 6.95 14.52 -6.83
CA LEU A 81 5.87 15.43 -6.48
C LEU A 81 6.37 16.49 -5.49
N PRO A 82 5.76 17.68 -5.49
CA PRO A 82 6.07 18.66 -4.46
C PRO A 82 5.58 18.20 -3.10
N ILE A 83 6.37 18.49 -2.06
CA ILE A 83 6.08 17.99 -0.72
C ILE A 83 5.47 19.05 0.18
N ASN A 84 5.25 20.27 -0.33
CA ASN A 84 4.70 21.34 0.48
C ASN A 84 3.18 21.36 0.36
N ASN A 85 2.53 21.74 1.46
CA ASN A 85 1.08 21.91 1.52
C ASN A 85 0.35 20.61 1.15
N ARG A 86 0.81 19.51 1.72
CA ARG A 86 0.05 18.27 1.65
C ARG A 86 -1.17 18.36 2.58
N PHE A 87 -2.07 17.39 2.42
CA PHE A 87 -3.22 17.29 3.31
C PHE A 87 -3.70 15.85 3.32
N GLN A 88 -4.43 15.50 4.37
CA GLN A 88 -4.99 14.17 4.52
C GLN A 88 -6.47 14.17 4.13
N ILE A 89 -6.94 13.01 3.67
CA ILE A 89 -8.36 12.86 3.39
C ILE A 89 -9.11 12.69 4.71
N GLN A 90 -10.33 13.19 4.74
CA GLN A 90 -11.12 13.18 5.97
C GLN A 90 -12.37 12.32 5.80
N PRO A 91 -12.79 11.61 6.86
CA PRO A 91 -12.07 11.56 8.14
C PRO A 91 -10.96 10.51 8.12
N PRO A 92 -9.90 10.72 8.90
CA PRO A 92 -8.82 9.74 8.94
C PRO A 92 -9.26 8.48 9.65
N PRO A 93 -8.73 7.32 9.29
CA PRO A 93 -9.14 6.07 9.95
C PRO A 93 -8.75 6.08 11.43
N LYS A 94 -9.31 5.12 12.15
CA LYS A 94 -9.08 5.06 13.59
C LYS A 94 -7.61 4.79 13.89
N TYR A 95 -7.07 5.56 14.85
CA TYR A 95 -5.63 5.53 15.12
C TYR A 95 -5.22 4.30 15.93
N THR A 96 -5.95 4.00 17.00
CA THR A 96 -5.56 2.96 17.94
C THR A 96 -6.46 1.73 17.81
N ILE A 97 -6.04 0.66 18.49
CA ILE A 97 -6.79 -0.60 18.45
C ILE A 97 -8.11 -0.45 19.18
N HIS A 98 -8.12 0.30 20.29
CA HIS A 98 -9.35 0.50 21.04
C HIS A 98 -10.43 1.14 20.17
N ASP A 99 -10.04 2.08 19.33
CA ASP A 99 -11.03 2.76 18.48
C ASP A 99 -11.31 1.97 17.21
N ALA A 100 -10.28 1.34 16.62
CA ALA A 100 -10.48 0.58 15.39
C ALA A 100 -11.25 -0.71 15.63
N PHE A 101 -11.24 -1.24 16.85
CA PHE A 101 -11.93 -2.47 17.20
C PHE A 101 -12.70 -2.21 18.50
N PRO A 102 -13.90 -1.62 18.40
CA PRO A 102 -14.64 -1.27 19.63
C PRO A 102 -14.97 -2.47 20.50
N LEU A 103 -15.39 -3.58 19.90
CA LEU A 103 -15.79 -4.76 20.66
C LEU A 103 -14.61 -5.52 21.26
N SER A 104 -13.37 -5.10 21.02
CA SER A 104 -12.22 -5.86 21.50
C SER A 104 -11.96 -5.67 22.98
N LYS A 105 -12.38 -4.55 23.58
CA LYS A 105 -12.13 -4.33 24.99
C LYS A 105 -12.82 -5.36 25.87
N ARG A 106 -13.82 -6.07 25.34
CA ARG A 106 -14.48 -7.13 26.10
C ARG A 106 -13.55 -8.30 26.34
N TRP A 107 -12.71 -8.65 25.36
CA TRP A 107 -11.86 -9.83 25.43
C TRP A 107 -10.38 -9.51 25.60
N TRP A 108 -9.96 -8.26 25.43
CA TRP A 108 -8.54 -7.94 25.44
C TRP A 108 -7.95 -8.10 26.85
N PRO A 109 -6.83 -8.80 26.99
CA PRO A 109 -6.23 -8.97 28.32
C PRO A 109 -5.46 -7.72 28.75
N GLU A 110 -5.26 -7.62 30.07
CA GLU A 110 -4.55 -6.48 30.60
C GLU A 110 -3.06 -6.52 30.26
N TRP A 111 -2.51 -7.72 30.02
CA TRP A 111 -1.10 -7.88 29.75
C TRP A 111 -0.75 -7.78 28.26
N ASP A 112 -1.75 -7.58 27.40
CA ASP A 112 -1.52 -7.26 25.99
C ASP A 112 -1.55 -5.75 25.85
N LYS A 113 -0.37 -5.13 25.87
CA LYS A 113 -0.24 -3.68 25.86
C LYS A 113 -0.28 -3.09 24.46
N ARG A 114 -0.62 -3.88 23.45
CA ARG A 114 -0.64 -3.38 22.08
C ARG A 114 -1.69 -2.29 21.90
N THR A 115 -1.27 -1.18 21.32
CA THR A 115 -2.18 -0.14 20.84
C THR A 115 -2.09 0.04 19.34
N LYS A 116 -1.34 -0.82 18.66
CA LYS A 116 -1.07 -0.70 17.23
C LYS A 116 -0.84 -2.08 16.65
N LEU A 117 -1.41 -2.33 15.47
CA LEU A 117 -1.22 -3.60 14.78
C LEU A 117 0.00 -3.55 13.88
N ASN A 118 0.53 -4.74 13.57
CA ASN A 118 1.68 -4.87 12.68
C ASN A 118 1.22 -4.79 11.23
N CYS A 119 2.12 -5.10 10.30
CA CYS A 119 1.81 -4.94 8.88
C CYS A 119 0.76 -5.94 8.43
N ILE A 120 -0.18 -5.48 7.60
CA ILE A 120 -1.16 -6.35 6.98
C ILE A 120 -0.49 -7.08 5.82
N LEU A 121 -0.49 -8.41 5.88
CA LEU A 121 0.20 -9.25 4.91
C LEU A 121 -0.81 -10.08 4.12
N THR A 122 -0.28 -10.85 3.16
CA THR A 122 -1.11 -11.70 2.32
C THR A 122 -1.35 -13.08 2.90
N CYS A 123 -0.56 -13.49 3.88
CA CYS A 123 -0.72 -14.77 4.55
C CYS A 123 -1.24 -14.52 5.96
N THR A 124 -2.39 -15.09 6.28
CA THR A 124 -3.06 -14.84 7.55
C THR A 124 -2.86 -16.01 8.51
N GLY A 125 -3.04 -15.73 9.80
CA GLY A 125 -2.85 -16.76 10.81
C GLY A 125 -3.91 -17.85 10.70
N SER A 126 -3.49 -19.09 10.95
CA SER A 126 -4.37 -20.24 10.77
C SER A 126 -5.22 -20.47 12.00
N ALA A 127 -6.26 -21.29 11.84
CA ALA A 127 -7.14 -21.62 12.95
C ALA A 127 -6.45 -22.48 13.99
N GLN A 128 -5.49 -23.32 13.56
CA GLN A 128 -4.73 -24.12 14.51
C GLN A 128 -3.85 -23.25 15.40
N LEU A 129 -3.53 -22.04 14.96
CA LEU A 129 -2.79 -21.11 15.82
C LEU A 129 -3.69 -20.55 16.92
N THR A 130 -4.92 -20.13 16.56
CA THR A 130 -5.84 -19.63 17.57
C THR A 130 -6.16 -20.69 18.61
N ASN A 131 -6.18 -21.97 18.20
CA ASN A 131 -6.43 -23.04 19.17
C ASN A 131 -5.26 -23.21 20.12
N ARG A 132 -4.03 -23.19 19.60
CA ARG A 132 -2.86 -23.34 20.46
C ARG A 132 -2.75 -22.21 21.48
N ILE A 133 -3.27 -21.03 21.14
CA ILE A 133 -3.35 -19.94 22.11
C ILE A 133 -4.50 -20.17 23.08
N ARG A 134 -5.62 -20.68 22.58
CA ARG A 134 -6.76 -21.01 23.44
C ARG A 134 -6.39 -22.06 24.47
N VAL A 135 -5.70 -23.12 24.03
CA VAL A 135 -5.32 -24.19 24.95
C VAL A 135 -4.25 -23.70 25.93
N ALA A 136 -3.38 -22.78 25.50
CA ALA A 136 -2.31 -22.32 26.37
C ALA A 136 -2.84 -21.53 27.57
N LEU A 137 -3.93 -20.77 27.38
CA LEU A 137 -4.50 -19.97 28.44
C LEU A 137 -5.61 -20.66 29.21
N GLU A 138 -6.03 -21.85 28.77
CA GLU A 138 -7.14 -22.54 29.44
C GLU A 138 -6.85 -22.90 30.89
N PRO A 139 -5.70 -23.49 31.25
CA PRO A 139 -5.52 -23.92 32.64
C PRO A 139 -5.36 -22.78 33.64
N TYR A 140 -5.58 -21.55 33.21
CA TYR A 140 -5.43 -20.39 34.09
C TYR A 140 -6.68 -19.50 34.05
N ASN A 141 -7.85 -20.10 33.81
CA ASN A 141 -9.06 -19.30 33.71
C ASN A 141 -9.52 -18.79 35.07
N GLU A 142 -9.33 -19.59 36.12
CA GLU A 142 -9.69 -19.15 37.47
C GLU A 142 -8.63 -18.27 38.11
N GLU A 143 -7.43 -18.24 37.55
CA GLU A 143 -6.36 -17.36 38.05
C GLU A 143 -6.53 -15.96 37.45
N PRO A 144 -6.25 -14.90 38.21
CA PRO A 144 -6.39 -13.54 37.67
C PRO A 144 -5.49 -13.25 36.47
N GLU A 145 -4.40 -13.99 36.30
CA GLU A 145 -3.42 -13.70 35.27
C GLU A 145 -2.50 -14.90 35.06
N PRO A 146 -2.27 -15.34 33.83
CA PRO A 146 -1.42 -16.51 33.60
C PRO A 146 0.05 -16.16 33.83
N PRO A 147 0.89 -17.15 34.08
CA PRO A 147 2.32 -16.87 34.32
C PRO A 147 2.99 -16.26 33.11
N LYS A 148 4.21 -15.78 33.32
CA LYS A 148 4.91 -14.97 32.32
C LYS A 148 5.19 -15.76 31.05
N HIS A 149 5.71 -16.99 31.21
CA HIS A 149 6.07 -17.77 30.03
C HIS A 149 4.85 -18.15 29.21
N VAL A 150 3.69 -18.28 29.85
CA VAL A 150 2.46 -18.49 29.10
C VAL A 150 2.01 -17.20 28.41
N GLN A 151 2.35 -16.05 28.98
CA GLN A 151 1.89 -14.77 28.43
C GLN A 151 2.65 -14.42 27.16
N ARG A 152 3.98 -14.52 27.19
CA ARG A 152 4.77 -14.04 26.07
C ARG A 152 4.81 -14.99 24.89
N TYR A 153 4.43 -16.26 25.08
CA TYR A 153 4.13 -17.09 23.92
C TYR A 153 2.93 -16.55 23.18
N VAL A 154 1.86 -16.25 23.91
CA VAL A 154 0.67 -15.66 23.31
C VAL A 154 0.97 -14.27 22.78
N ILE A 155 1.73 -13.48 23.53
CA ILE A 155 2.03 -12.11 23.11
C ILE A 155 2.84 -12.11 21.82
N ASP A 156 3.87 -12.95 21.76
CA ASP A 156 4.72 -12.98 20.58
C ASP A 156 3.99 -13.55 19.37
N GLN A 157 3.11 -14.53 19.59
CA GLN A 157 2.37 -15.10 18.46
C GLN A 157 1.28 -14.15 17.98
N CYS A 158 0.72 -13.33 18.87
CA CYS A 158 -0.24 -12.32 18.43
C CYS A 158 0.43 -11.26 17.59
N LYS A 159 1.64 -10.82 17.98
CA LYS A 159 2.38 -9.88 17.17
C LYS A 159 2.87 -10.54 15.88
N LYS A 160 3.26 -11.81 15.95
CA LYS A 160 3.79 -12.50 14.77
C LYS A 160 2.75 -12.61 13.67
N TRP A 161 1.47 -12.78 14.03
CA TRP A 161 0.42 -13.02 13.05
C TRP A 161 -0.68 -11.98 13.10
N ASN A 162 -0.47 -10.84 13.77
CA ASN A 162 -1.42 -9.73 13.78
C ASN A 162 -2.80 -10.19 14.21
N LEU A 163 -2.86 -10.75 15.42
CA LEU A 163 -4.09 -11.31 15.95
C LEU A 163 -4.78 -10.29 16.86
N VAL A 164 -6.11 -10.25 16.76
CA VAL A 164 -6.93 -9.44 17.66
C VAL A 164 -7.79 -10.39 18.50
N TRP A 165 -8.13 -9.93 19.70
CA TRP A 165 -8.89 -10.76 20.64
C TRP A 165 -10.36 -10.69 20.28
N VAL A 166 -10.93 -11.81 19.86
CA VAL A 166 -12.30 -11.86 19.38
C VAL A 166 -13.20 -12.69 20.29
N GLY A 167 -12.64 -13.54 21.15
CA GLY A 167 -13.43 -14.35 22.05
C GLY A 167 -12.66 -14.70 23.31
N LYS A 168 -13.25 -15.54 24.16
CA LYS A 168 -12.62 -15.91 25.42
C LYS A 168 -11.34 -16.70 25.15
N ASN A 169 -10.19 -16.10 25.48
CA ASN A 169 -8.88 -16.68 25.19
C ASN A 169 -8.73 -16.99 23.70
N LYS A 170 -9.36 -16.18 22.84
CA LYS A 170 -9.39 -16.42 21.41
C LYS A 170 -8.73 -15.24 20.70
N ALA A 171 -7.60 -15.51 20.07
CA ALA A 171 -6.87 -14.50 19.29
C ALA A 171 -6.93 -14.91 17.83
N ALA A 172 -7.69 -14.18 17.03
CA ALA A 172 -7.90 -14.49 15.62
C ALA A 172 -7.36 -13.37 14.73
N PRO A 173 -6.96 -13.69 13.50
CA PRO A 173 -6.47 -12.64 12.60
C PRO A 173 -7.57 -11.72 12.11
N LEU A 174 -7.20 -10.74 11.27
CA LEU A 174 -8.16 -9.77 10.77
C LEU A 174 -9.01 -10.36 9.65
N GLU A 175 -10.25 -9.92 9.57
CA GLU A 175 -11.13 -10.28 8.49
C GLU A 175 -10.89 -9.36 7.28
N PRO A 176 -11.26 -9.81 6.08
CA PRO A 176 -11.06 -8.96 4.89
C PRO A 176 -11.71 -7.59 5.01
N ASP A 177 -12.93 -7.51 5.57
CA ASP A 177 -13.59 -6.22 5.72
C ASP A 177 -12.81 -5.29 6.62
N GLU A 178 -12.17 -5.84 7.66
CA GLU A 178 -11.34 -5.01 8.53
C GLU A 178 -10.08 -4.54 7.82
N MET A 179 -9.46 -5.42 7.03
CA MET A 179 -8.28 -5.01 6.26
C MET A 179 -8.64 -3.92 5.26
N GLU A 180 -9.79 -4.05 4.59
CA GLU A 180 -10.26 -3.00 3.68
C GLU A 180 -10.36 -1.67 4.41
N SER A 181 -10.99 -1.66 5.58
CA SER A 181 -11.20 -0.43 6.32
C SER A 181 -9.87 0.17 6.79
N ILE A 182 -8.94 -0.68 7.22
CA ILE A 182 -7.67 -0.17 7.72
C ILE A 182 -6.81 0.36 6.59
N LEU A 183 -6.81 -0.34 5.45
CA LEU A 183 -6.02 0.10 4.30
C LEU A 183 -6.65 1.28 3.58
N GLY A 184 -7.80 1.79 4.02
CA GLY A 184 -8.36 3.00 3.45
C GLY A 184 -9.31 2.79 2.28
N PHE A 185 -9.80 1.56 2.06
CA PHE A 185 -10.75 1.33 1.00
C PHE A 185 -12.18 1.34 1.54
N PRO A 186 -13.16 1.71 0.72
CA PRO A 186 -14.56 1.63 1.16
C PRO A 186 -14.98 0.19 1.42
N LYS A 187 -16.05 0.05 2.20
CA LYS A 187 -16.51 -1.29 2.55
C LYS A 187 -16.99 -2.03 1.30
N ASN A 188 -16.63 -3.31 1.23
CA ASN A 188 -16.98 -4.18 0.10
C ASN A 188 -16.35 -3.71 -1.20
N HIS A 189 -15.17 -3.09 -1.12
CA HIS A 189 -14.45 -2.69 -2.32
C HIS A 189 -13.93 -3.91 -3.08
N THR A 190 -13.62 -4.99 -2.37
CA THR A 190 -13.08 -6.20 -2.97
C THR A 190 -13.99 -7.42 -2.78
N ARG A 191 -15.27 -7.19 -2.50
CA ARG A 191 -16.16 -8.31 -2.18
C ARG A 191 -16.63 -9.03 -3.43
N GLY A 192 -17.25 -8.30 -4.37
CA GLY A 192 -17.77 -8.91 -5.57
C GLY A 192 -16.71 -9.11 -6.63
N GLY A 193 -17.17 -9.28 -7.87
CA GLY A 193 -16.27 -9.39 -9.00
C GLY A 193 -15.53 -10.70 -9.12
N GLY A 194 -16.16 -11.81 -8.71
CA GLY A 194 -15.51 -13.10 -8.76
C GLY A 194 -14.37 -13.29 -7.80
N MET A 195 -14.22 -12.43 -6.81
CA MET A 195 -13.11 -12.50 -5.87
C MET A 195 -13.49 -13.40 -4.71
N SER A 196 -12.81 -14.54 -4.59
CA SER A 196 -13.01 -15.43 -3.45
C SER A 196 -12.40 -14.82 -2.20
N ARG A 197 -12.81 -15.36 -1.05
CA ARG A 197 -12.25 -14.90 0.23
C ARG A 197 -10.74 -15.12 0.27
N THR A 198 -10.28 -16.25 -0.26
CA THR A 198 -8.84 -16.51 -0.31
C THR A 198 -8.12 -15.45 -1.13
N GLU A 199 -8.67 -15.05 -2.28
N GLU A 199 -8.68 -15.07 -2.27
CA GLU A 199 -8.03 -14.04 -3.08
CA GLU A 199 -8.09 -14.04 -3.11
C GLU A 199 -8.23 -12.63 -2.54
C GLU A 199 -8.17 -12.66 -2.46
N ARG A 200 -9.18 -12.44 -1.61
CA ARG A 200 -9.33 -11.14 -0.97
C ARG A 200 -8.16 -10.84 -0.06
N PHE A 201 -7.72 -11.84 0.71
CA PHE A 201 -6.55 -11.67 1.58
C PHE A 201 -5.31 -11.31 0.77
N LYS A 202 -5.09 -12.00 -0.35
CA LYS A 202 -3.87 -11.80 -1.12
C LYS A 202 -3.80 -10.41 -1.71
N SER A 203 -4.83 -10.01 -2.47
CA SER A 203 -4.79 -8.71 -3.12
C SER A 203 -4.91 -7.55 -2.14
N LEU A 204 -5.52 -7.78 -0.97
CA LEU A 204 -5.56 -6.73 0.06
C LEU A 204 -4.18 -6.53 0.68
N GLY A 205 -3.51 -7.64 1.04
CA GLY A 205 -2.18 -7.55 1.61
C GLY A 205 -1.14 -6.94 0.67
N ASN A 206 -1.40 -6.98 -0.63
CA ASN A 206 -0.49 -6.43 -1.63
C ASN A 206 -0.75 -4.97 -1.93
N SER A 207 -1.76 -4.36 -1.32
CA SER A 207 -2.29 -3.09 -1.80
C SER A 207 -1.64 -1.89 -1.09
N PHE A 208 -2.07 -0.70 -1.49
CA PHE A 208 -1.66 0.54 -0.87
C PHE A 208 -2.42 0.78 0.44
N GLN A 209 -1.84 1.62 1.28
CA GLN A 209 -2.57 2.28 2.36
C GLN A 209 -3.07 3.61 1.81
N VAL A 210 -4.38 3.68 1.51
CA VAL A 210 -4.90 4.77 0.68
C VAL A 210 -4.61 6.13 1.32
N ASP A 211 -4.72 6.22 2.64
CA ASP A 211 -4.51 7.50 3.31
C ASP A 211 -3.07 7.98 3.15
N THR A 212 -2.10 7.07 3.22
CA THR A 212 -0.71 7.45 3.03
C THR A 212 -0.46 7.94 1.61
N VAL A 213 -0.94 7.20 0.61
CA VAL A 213 -0.75 7.61 -0.78
C VAL A 213 -1.52 8.90 -1.07
N ALA A 214 -2.75 9.00 -0.55
CA ALA A 214 -3.55 10.20 -0.81
C ALA A 214 -2.92 11.43 -0.18
N TYR A 215 -2.30 11.27 0.99
CA TYR A 215 -1.59 12.38 1.60
C TYR A 215 -0.44 12.86 0.71
N HIS A 216 0.19 11.94 -0.01
CA HIS A 216 1.29 12.31 -0.90
C HIS A 216 0.76 12.91 -2.20
N LEU A 217 -0.24 12.28 -2.80
CA LEU A 217 -0.84 12.79 -4.03
C LEU A 217 -1.71 14.02 -3.81
N SER A 218 -1.89 14.45 -2.57
CA SER A 218 -2.79 15.56 -2.28
C SER A 218 -2.33 16.84 -2.94
N VAL A 219 -1.02 16.99 -3.16
CA VAL A 219 -0.49 18.21 -3.78
C VAL A 219 -0.89 18.36 -5.24
N LEU A 220 -1.44 17.32 -5.86
CA LEU A 220 -1.82 17.39 -7.26
C LEU A 220 -3.13 18.15 -7.47
N LYS A 221 -3.93 18.34 -6.42
CA LYS A 221 -5.24 18.95 -6.61
C LYS A 221 -5.16 20.40 -7.11
N PRO A 222 -4.38 21.30 -6.51
CA PRO A 222 -4.31 22.67 -7.06
C PRO A 222 -3.62 22.75 -8.42
N ILE A 223 -2.80 21.76 -8.77
CA ILE A 223 -2.02 21.83 -10.01
C ILE A 223 -2.89 21.46 -11.22
N PHE A 224 -3.82 20.53 -11.05
CA PHE A 224 -4.67 20.05 -12.14
C PHE A 224 -6.14 20.28 -11.79
N PRO A 225 -6.66 21.48 -12.05
CA PRO A 225 -8.08 21.74 -11.76
C PRO A 225 -9.02 20.98 -12.67
N HIS A 226 -8.58 20.53 -13.84
CA HIS A 226 -9.46 19.89 -14.82
C HIS A 226 -9.23 18.38 -14.92
N GLY A 227 -8.53 17.79 -13.96
CA GLY A 227 -8.29 16.36 -13.97
C GLY A 227 -6.94 16.00 -14.56
N ILE A 228 -6.65 14.70 -14.54
CA ILE A 228 -5.37 14.18 -15.00
C ILE A 228 -5.60 12.93 -15.83
N ASN A 229 -4.67 12.67 -16.75
CA ASN A 229 -4.54 11.37 -17.38
C ASN A 229 -3.57 10.55 -16.54
N VAL A 230 -3.99 9.34 -16.16
CA VAL A 230 -3.25 8.51 -15.22
C VAL A 230 -2.78 7.24 -15.92
N LEU A 231 -1.52 6.88 -15.70
CA LEU A 231 -0.95 5.63 -16.17
C LEU A 231 -0.64 4.79 -14.92
N SER A 232 -1.51 3.82 -14.66
CA SER A 232 -1.43 3.01 -13.44
C SER A 232 -0.79 1.67 -13.78
N LEU A 233 0.42 1.46 -13.29
CA LEU A 233 1.14 0.21 -13.49
C LEU A 233 1.00 -0.65 -12.24
N PHE A 234 0.78 -1.94 -12.43
CA PHE A 234 0.55 -2.87 -11.33
C PHE A 234 -0.61 -2.39 -10.46
N THR A 235 -1.77 -2.26 -11.09
CA THR A 235 -2.90 -1.55 -10.47
C THR A 235 -3.43 -2.29 -9.24
N GLY A 236 -3.54 -3.61 -9.31
CA GLY A 236 -4.10 -4.33 -8.18
C GLY A 236 -5.58 -4.00 -8.01
N ILE A 237 -5.97 -3.68 -6.77
CA ILE A 237 -7.35 -3.32 -6.49
C ILE A 237 -7.52 -1.81 -6.58
N GLY A 238 -6.55 -1.14 -7.20
CA GLY A 238 -6.65 0.28 -7.46
C GLY A 238 -6.47 1.17 -6.24
N GLY A 239 -5.34 1.02 -5.54
CA GLY A 239 -5.07 1.88 -4.41
C GLY A 239 -4.92 3.34 -4.82
N GLY A 240 -4.16 3.59 -5.89
CA GLY A 240 -3.96 4.97 -6.33
C GLY A 240 -5.21 5.61 -6.88
N GLU A 241 -6.06 4.82 -7.53
CA GLU A 241 -7.32 5.35 -8.04
C GLU A 241 -8.24 5.77 -6.91
N VAL A 242 -8.35 4.93 -5.87
CA VAL A 242 -9.18 5.26 -4.72
C VAL A 242 -8.66 6.52 -4.04
N ALA A 243 -7.33 6.64 -3.90
CA ALA A 243 -6.74 7.83 -3.31
C ALA A 243 -7.11 9.07 -4.11
N LEU A 244 -6.90 9.04 -5.42
CA LEU A 244 -7.25 10.18 -6.27
C LEU A 244 -8.73 10.53 -6.15
N HIS A 245 -9.59 9.51 -6.06
CA HIS A 245 -11.02 9.76 -5.97
C HIS A 245 -11.37 10.45 -4.66
N ARG A 246 -10.76 10.02 -3.55
CA ARG A 246 -11.03 10.66 -2.26
C ARG A 246 -10.48 12.08 -2.22
N LEU A 247 -9.44 12.37 -3.01
CA LEU A 247 -8.92 13.72 -3.12
C LEU A 247 -9.77 14.62 -4.02
N GLN A 248 -10.85 14.09 -4.60
CA GLN A 248 -11.69 14.82 -5.54
C GLN A 248 -10.88 15.33 -6.73
N ILE A 249 -9.96 14.50 -7.21
CA ILE A 249 -9.15 14.82 -8.39
C ILE A 249 -9.72 14.03 -9.55
N LYS A 250 -10.30 14.75 -10.53
CA LYS A 250 -10.94 14.08 -11.65
C LYS A 250 -9.93 13.23 -12.42
N MET A 251 -10.35 12.03 -12.78
CA MET A 251 -9.53 11.13 -13.58
C MET A 251 -10.14 11.08 -14.98
N LYS A 252 -9.64 11.95 -15.86
CA LYS A 252 -10.11 11.96 -17.24
C LYS A 252 -9.85 10.61 -17.91
N LEU A 253 -8.69 10.02 -17.65
CA LEU A 253 -8.32 8.75 -18.25
C LEU A 253 -7.42 7.99 -17.27
N VAL A 254 -7.67 6.69 -17.14
CA VAL A 254 -6.82 5.80 -16.36
C VAL A 254 -6.51 4.59 -17.23
N VAL A 255 -5.26 4.49 -17.69
CA VAL A 255 -4.76 3.29 -18.36
C VAL A 255 -4.18 2.40 -17.26
N SER A 256 -4.81 1.26 -17.01
CA SER A 256 -4.44 0.36 -15.93
C SER A 256 -3.80 -0.91 -16.50
N VAL A 257 -2.69 -1.33 -15.90
CA VAL A 257 -1.99 -2.54 -16.30
C VAL A 257 -1.93 -3.44 -15.07
N GLU A 258 -2.74 -4.49 -15.06
CA GLU A 258 -2.87 -5.37 -13.90
C GLU A 258 -3.18 -6.77 -14.41
N ILE A 259 -2.31 -7.72 -14.11
CA ILE A 259 -2.41 -9.04 -14.72
C ILE A 259 -3.54 -9.86 -14.12
N SER A 260 -3.96 -9.57 -12.90
CA SER A 260 -5.00 -10.36 -12.23
C SER A 260 -6.38 -10.02 -12.80
N LYS A 261 -7.08 -11.04 -13.29
CA LYS A 261 -8.41 -10.82 -13.83
C LYS A 261 -9.39 -10.37 -12.76
N VAL A 262 -9.30 -10.94 -11.56
CA VAL A 262 -10.22 -10.53 -10.49
C VAL A 262 -9.91 -9.11 -10.04
N ASN A 263 -8.65 -8.69 -10.06
CA ASN A 263 -8.33 -7.31 -9.71
C ASN A 263 -8.87 -6.34 -10.75
N ARG A 264 -8.77 -6.71 -12.03
CA ARG A 264 -9.35 -5.86 -13.08
C ARG A 264 -10.86 -5.78 -12.93
N ASN A 265 -11.50 -6.86 -12.49
CA ASN A 265 -12.94 -6.82 -12.24
C ASN A 265 -13.24 -5.91 -11.05
N ILE A 266 -12.37 -5.91 -10.03
CA ILE A 266 -12.56 -5.02 -8.89
C ILE A 266 -12.48 -3.56 -9.34
N LEU A 267 -11.50 -3.26 -10.20
CA LEU A 267 -11.32 -1.88 -10.65
C LEU A 267 -12.47 -1.43 -11.53
N LYS A 268 -12.90 -2.27 -12.47
CA LYS A 268 -14.03 -1.90 -13.31
C LYS A 268 -15.31 -1.76 -12.50
N ASP A 269 -15.50 -2.62 -11.50
CA ASP A 269 -16.63 -2.46 -10.58
C ASP A 269 -16.53 -1.14 -9.84
N PHE A 270 -15.34 -0.81 -9.33
CA PHE A 270 -15.13 0.48 -8.69
C PHE A 270 -15.36 1.63 -9.65
N TRP A 271 -15.06 1.43 -10.93
CA TRP A 271 -15.23 2.50 -11.91
C TRP A 271 -16.72 2.80 -12.13
N GLU A 272 -17.54 1.76 -12.27
CA GLU A 272 -18.96 1.97 -12.54
C GLU A 272 -19.72 2.35 -11.27
N GLN A 273 -19.41 1.70 -10.15
CA GLN A 273 -20.10 2.01 -8.89
C GLN A 273 -19.81 3.41 -8.38
N THR A 274 -18.83 4.11 -8.97
CA THR A 274 -18.54 5.48 -8.59
C THR A 274 -19.03 6.48 -9.63
N ASN A 275 -19.54 6.02 -10.77
CA ASN A 275 -20.01 6.89 -11.85
C ASN A 275 -18.89 7.81 -12.33
N GLN A 276 -17.68 7.27 -12.43
CA GLN A 276 -16.57 8.02 -12.97
C GLN A 276 -16.85 8.41 -14.41
N THR A 277 -16.84 9.71 -14.70
CA THR A 277 -17.12 10.17 -16.04
C THR A 277 -15.99 9.87 -17.02
N GLY A 278 -14.77 9.67 -16.52
CA GLY A 278 -13.64 9.43 -17.38
C GLY A 278 -13.61 8.02 -17.93
N GLU A 279 -12.60 7.77 -18.76
CA GLU A 279 -12.43 6.49 -19.43
C GLU A 279 -11.41 5.63 -18.70
N LEU A 280 -11.69 4.34 -18.60
CA LEU A 280 -10.78 3.36 -18.02
C LEU A 280 -10.39 2.36 -19.08
N ILE A 281 -9.09 2.28 -19.36
CA ILE A 281 -8.54 1.29 -20.29
C ILE A 281 -7.74 0.29 -19.49
N GLU A 282 -7.99 -1.00 -19.71
CA GLU A 282 -7.42 -2.06 -18.90
C GLU A 282 -6.50 -2.94 -19.73
N PHE A 283 -5.21 -2.95 -19.37
CA PHE A 283 -4.24 -3.88 -19.91
C PHE A 283 -3.90 -4.92 -18.85
N SER A 284 -3.43 -6.09 -19.30
CA SER A 284 -3.17 -7.19 -18.39
C SER A 284 -1.68 -7.31 -18.05
N ASP A 285 -0.89 -7.87 -18.97
CA ASP A 285 0.53 -8.12 -18.71
C ASP A 285 1.37 -6.93 -19.16
N ILE A 286 2.16 -6.37 -18.24
CA ILE A 286 3.02 -5.25 -18.56
C ILE A 286 4.13 -5.67 -19.52
N GLN A 287 4.50 -6.95 -19.53
CA GLN A 287 5.55 -7.43 -20.41
C GLN A 287 5.12 -7.48 -21.88
N HIS A 288 3.82 -7.35 -22.16
CA HIS A 288 3.32 -7.29 -23.52
C HIS A 288 2.90 -5.89 -23.93
N LEU A 289 2.92 -4.94 -23.02
CA LEU A 289 2.58 -3.54 -23.32
C LEU A 289 3.80 -2.89 -23.97
N THR A 290 3.75 -2.69 -25.28
CA THR A 290 4.90 -2.19 -26.02
C THR A 290 5.07 -0.69 -25.86
N ASN A 291 6.27 -0.22 -26.17
CA ASN A 291 6.56 1.21 -26.10
C ASN A 291 5.71 2.00 -27.08
N ASP A 292 5.47 1.44 -28.27
CA ASP A 292 4.66 2.13 -29.27
C ASP A 292 3.19 2.20 -28.85
N THR A 293 2.71 1.17 -28.14
CA THR A 293 1.37 1.25 -27.57
C THR A 293 1.23 2.45 -26.63
N ILE A 294 2.23 2.68 -25.79
CA ILE A 294 2.20 3.85 -24.91
C ILE A 294 2.17 5.12 -25.74
N GLU A 295 3.08 5.25 -26.70
CA GLU A 295 3.12 6.44 -27.56
C GLU A 295 1.80 6.63 -28.29
N GLY A 296 1.16 5.53 -28.69
CA GLY A 296 -0.13 5.65 -29.36
C GLY A 296 -1.23 6.10 -28.42
N LEU A 297 -1.20 5.63 -27.17
CA LEU A 297 -2.17 6.08 -26.19
C LEU A 297 -1.98 7.55 -25.84
N MET A 298 -0.72 7.97 -25.66
CA MET A 298 -0.43 9.36 -25.33
C MET A 298 -0.84 10.30 -26.45
N GLU A 299 -0.78 9.83 -27.70
CA GLU A 299 -1.17 10.68 -28.82
C GLU A 299 -2.68 10.88 -28.88
N LYS A 300 -3.45 9.88 -28.45
CA LYS A 300 -4.90 9.99 -28.47
C LYS A 300 -5.42 10.90 -27.36
N TYR A 301 -4.90 10.73 -26.14
CA TYR A 301 -5.44 11.42 -24.97
C TYR A 301 -4.59 12.59 -24.51
N GLY A 302 -3.38 12.75 -25.04
CA GLY A 302 -2.57 13.92 -24.73
C GLY A 302 -1.61 13.75 -23.57
N GLY A 303 -0.95 12.61 -23.48
CA GLY A 303 0.07 12.39 -22.48
C GLY A 303 -0.51 12.12 -21.10
N PHE A 304 0.31 11.47 -20.27
CA PHE A 304 -0.07 11.12 -18.91
C PHE A 304 0.47 12.16 -17.93
N ASP A 305 -0.41 12.66 -17.07
CA ASP A 305 0.02 13.61 -16.04
C ASP A 305 0.61 12.92 -14.82
N LEU A 306 0.37 11.62 -14.65
CA LEU A 306 0.84 10.91 -13.47
C LEU A 306 1.07 9.44 -13.82
N VAL A 307 2.23 8.93 -13.45
CA VAL A 307 2.55 7.51 -13.57
C VAL A 307 2.74 6.97 -12.16
N ILE A 308 1.76 6.22 -11.68
CA ILE A 308 1.76 5.69 -10.32
C ILE A 308 1.74 4.16 -10.40
N GLY A 309 2.50 3.53 -9.52
CA GLY A 309 2.50 2.07 -9.49
C GLY A 309 3.43 1.54 -8.41
N GLY A 310 3.17 0.30 -8.03
CA GLY A 310 4.01 -0.43 -7.10
C GLY A 310 4.38 -1.80 -7.61
N SER A 311 5.68 -2.01 -7.86
CA SER A 311 6.14 -3.26 -8.45
C SER A 311 6.04 -4.41 -7.44
N PRO A 312 6.09 -5.65 -7.91
CA PRO A 312 5.95 -6.79 -6.99
C PRO A 312 7.03 -6.80 -5.92
N CYS A 313 6.62 -7.14 -4.70
CA CYS A 313 7.52 -7.31 -3.56
C CYS A 313 7.75 -8.78 -3.23
N ASN A 314 7.40 -9.67 -4.18
CA ASN A 314 7.54 -11.10 -3.96
C ASN A 314 8.93 -11.46 -3.44
N ASN A 315 9.96 -11.00 -4.14
CA ASN A 315 11.33 -11.39 -3.89
C ASN A 315 12.07 -10.42 -2.97
N LEU A 316 11.34 -9.52 -2.32
CA LEU A 316 11.92 -8.58 -1.37
C LEU A 316 11.39 -8.74 0.05
N ALA A 317 10.21 -9.33 0.23
CA ALA A 317 9.57 -9.41 1.54
C ALA A 317 10.26 -10.43 2.43
N GLY A 318 10.41 -10.09 3.71
CA GLY A 318 10.97 -11.02 4.68
C GLY A 318 10.13 -12.24 4.94
N GLY A 319 8.83 -12.18 4.66
CA GLY A 319 7.98 -13.34 4.82
C GLY A 319 8.22 -14.44 3.79
N ASN A 320 8.90 -14.11 2.69
CA ASN A 320 9.14 -15.06 1.61
C ASN A 320 10.30 -15.97 2.00
N ARG A 321 10.02 -17.26 2.19
CA ARG A 321 11.06 -18.23 2.48
C ARG A 321 11.74 -18.76 1.23
N VAL A 322 11.03 -18.77 0.10
CA VAL A 322 11.44 -19.53 -1.06
C VAL A 322 12.31 -18.70 -2.00
N SER A 323 11.89 -17.47 -2.30
CA SER A 323 12.48 -16.73 -3.41
C SER A 323 12.72 -15.28 -3.03
N ARG A 324 13.23 -15.04 -1.81
CA ARG A 324 13.63 -13.69 -1.42
C ARG A 324 15.04 -13.41 -1.95
N VAL A 325 15.13 -13.29 -3.27
CA VAL A 325 16.41 -13.17 -3.97
C VAL A 325 16.72 -11.75 -4.42
N GLY A 326 15.84 -10.80 -4.14
CA GLY A 326 16.13 -9.41 -4.42
C GLY A 326 15.45 -8.88 -5.67
N LEU A 327 15.98 -7.75 -6.16
CA LEU A 327 15.36 -7.05 -7.27
C LEU A 327 15.36 -7.87 -8.56
N GLU A 328 16.25 -8.84 -8.69
CA GLU A 328 16.32 -9.64 -9.90
C GLU A 328 15.42 -10.86 -9.86
N GLY A 329 14.55 -10.97 -8.86
CA GLY A 329 13.62 -12.07 -8.78
C GLY A 329 12.61 -12.05 -9.92
N ASP A 330 11.92 -13.18 -10.08
CA ASP A 330 11.03 -13.35 -11.22
C ASP A 330 9.95 -12.27 -11.25
N GLN A 331 9.39 -11.92 -10.10
CA GLN A 331 8.30 -10.93 -10.07
C GLN A 331 8.81 -9.52 -9.81
N SER A 332 9.73 -9.35 -8.86
CA SER A 332 10.19 -8.01 -8.52
C SER A 332 11.02 -7.37 -9.64
N SER A 333 11.58 -8.16 -10.55
CA SER A 333 12.32 -7.58 -11.67
C SER A 333 11.42 -6.79 -12.60
N LEU A 334 10.09 -6.92 -12.48
CA LEU A 334 9.17 -6.06 -13.23
C LEU A 334 9.29 -4.61 -12.84
N PHE A 335 10.07 -4.28 -11.82
CA PHE A 335 10.37 -2.89 -11.51
C PHE A 335 11.03 -2.20 -12.69
N PHE A 336 11.88 -2.92 -13.42
CA PHE A 336 12.51 -2.35 -14.61
C PHE A 336 11.53 -2.22 -15.76
N GLU A 337 10.43 -2.98 -15.74
CA GLU A 337 9.34 -2.71 -16.67
C GLU A 337 8.63 -1.40 -16.33
N TYR A 338 8.56 -1.07 -15.04
CA TYR A 338 8.05 0.25 -14.64
C TYR A 338 8.95 1.36 -15.18
N CYS A 339 10.27 1.18 -15.04
CA CYS A 339 11.20 2.17 -15.57
C CYS A 339 11.14 2.25 -17.09
N ARG A 340 10.87 1.13 -17.75
CA ARG A 340 10.74 1.14 -19.21
C ARG A 340 9.54 1.97 -19.64
N ILE A 341 8.36 1.67 -19.08
CA ILE A 341 7.16 2.41 -19.46
C ILE A 341 7.30 3.88 -19.09
N LEU A 342 7.85 4.15 -17.90
CA LEU A 342 8.03 5.54 -17.47
C LEU A 342 8.95 6.30 -18.42
N GLU A 343 10.03 5.66 -18.87
CA GLU A 343 10.96 6.34 -19.77
C GLU A 343 10.30 6.72 -21.08
N VAL A 344 9.38 5.89 -21.58
CA VAL A 344 8.64 6.25 -22.79
C VAL A 344 7.81 7.50 -22.56
N VAL A 345 7.16 7.61 -21.41
CA VAL A 345 6.35 8.78 -21.11
C VAL A 345 7.21 10.03 -21.06
N ARG A 346 8.33 9.97 -20.33
CA ARG A 346 9.23 11.11 -20.23
C ARG A 346 9.70 11.57 -21.60
N ALA A 347 9.92 10.63 -22.52
CA ALA A 347 10.41 10.99 -23.84
C ALA A 347 9.50 11.99 -24.53
N ARG A 348 8.18 11.83 -24.38
CA ARG A 348 7.23 12.74 -24.98
C ARG A 348 6.94 13.95 -24.10
N MET A 349 6.87 13.77 -22.78
CA MET A 349 6.51 14.88 -21.90
C MET A 349 7.63 15.91 -21.78
N ARG A 350 8.86 15.46 -21.54
CA ARG A 350 9.97 16.38 -21.31
C ARG A 350 11.03 16.38 -22.40
N GLY A 351 11.19 15.29 -23.15
CA GLY A 351 12.07 15.32 -24.30
C GLY A 351 13.29 14.42 -24.24
N SER A 352 14.30 14.75 -25.05
CA SER A 352 15.54 13.97 -25.19
C SER A 352 15.29 12.54 -25.67
P C49 C 10 6.57 -6.10 4.69
O1P C49 C 10 6.47 -4.69 5.28
O2P C49 C 10 7.72 -6.16 3.71
O5' C49 C 10 5.15 -6.47 3.90
C5' C49 C 10 5.16 -7.43 2.84
C4' C49 C 10 3.99 -7.20 2.12
O4' C49 C 10 4.13 -6.00 1.29
C3' C49 C 10 3.63 -8.34 1.04
O3' C49 C 10 2.95 -9.50 1.85
C2' C49 C 10 2.89 -7.71 0.21
C1' C49 C 10 3.08 -6.12 0.51
N1 C49 C 10 3.25 -5.39 -0.68
C2 C49 C 10 3.16 -3.88 -0.55
O2 C49 C 10 2.94 -3.47 0.53
N3 C49 C 10 3.32 -2.94 -1.72
C4 C49 C 10 3.62 -3.54 -3.00
N4 C49 C 10 3.72 -2.86 -4.06
C5 C49 C 10 3.55 -5.01 -2.99
C6 C49 C 10 3.56 -6.01 -1.95
CM5 C49 C 10 2.63 -5.48 -4.16
F C49 C 10 4.82 -5.28 -3.55
N SAH D . -0.34 -1.08 -5.59
CA SAH D . -1.46 -1.91 -6.04
CB SAH D . -1.06 -3.38 -6.09
CG SAH D . 0.45 -3.62 -6.10
SD SAH D . 0.87 -5.37 -5.92
C SAH D . -2.70 -1.71 -5.16
O SAH D . -3.48 -2.63 -4.94
OXT SAH D . -2.95 -0.61 -4.67
C5' SAH D . 1.64 -5.44 -7.55
C4' SAH D . 0.65 -5.90 -8.62
O4' SAH D . 1.30 -6.12 -9.86
C3' SAH D . -0.04 -7.20 -8.26
O3' SAH D . -1.40 -6.94 -7.94
C2' SAH D . 0.05 -8.07 -9.49
O2' SAH D . -1.22 -8.55 -9.87
C1' SAH D . 0.59 -7.12 -10.56
N9 SAH D . 1.44 -7.85 -11.54
C8 SAH D . 2.27 -8.91 -11.28
N7 SAH D . 2.85 -9.27 -12.44
C5 SAH D . 2.41 -8.46 -13.42
C6 SAH D . 2.70 -8.40 -14.79
N6 SAH D . 3.55 -9.26 -15.34
N1 SAH D . 2.08 -7.44 -15.56
C2 SAH D . 1.20 -6.55 -15.00
N3 SAH D . 0.92 -6.62 -13.63
C4 SAH D . 1.53 -7.57 -12.87
C1 GOL E . -11.12 1.83 11.60
O1 GOL E . -10.60 2.89 10.88
C2 GOL E . -10.98 0.61 10.69
O2 GOL E . -9.87 0.72 9.90
C3 GOL E . -10.93 -0.62 11.63
O3 GOL E . -12.03 -1.42 11.33
C1 GOL F . 2.84 -4.41 23.41
O1 GOL F . 3.32 -3.13 23.70
C2 GOL F . 3.55 -5.40 24.36
O2 GOL F . 4.90 -5.56 24.04
C3 GOL F . 2.76 -6.71 24.24
O3 GOL F . 1.52 -6.49 24.84
C1 GOL G . -6.53 -2.74 23.17
O1 GOL G . -5.48 -1.84 23.01
C2 GOL G . -7.78 -1.92 23.56
O2 GOL G . -7.53 -1.08 24.65
C3 GOL G . -8.86 -2.98 23.89
O3 GOL G . -9.95 -2.72 23.05
C1 GOL H . -13.50 17.31 2.39
O1 GOL H . -13.26 16.77 1.12
C2 GOL H . -12.27 16.99 3.29
O2 GOL H . -11.46 18.10 3.48
C3 GOL H . -11.51 15.84 2.59
O3 GOL H . -11.93 14.65 3.18
I IOD I . -14.86 -12.63 3.14
I IOD J . 3.05 -10.51 -7.77
I IOD K . 8.92 21.14 -2.94
I IOD L . -14.04 5.62 -2.31
I IOD M . -11.19 -21.25 26.92
#